data_4Y1X
#
_entry.id   4Y1X
#
_cell.length_a   43.579
_cell.length_b   57.220
_cell.length_c   110.945
_cell.angle_alpha   90.000
_cell.angle_beta   90.000
_cell.angle_gamma   90.000
#
_symmetry.space_group_name_H-M   'P 21 21 21'
#
loop_
_entity.id
_entity.type
_entity.pdbx_description
1 polymer Galectin-1
2 branched 'beta-D-galactopyranose-(1-4)-methyl 2-acetamido-2-deoxy-6-O-sulfo-beta-D-glucopyranoside'
3 water water
#
_entity_poly.entity_id   1
_entity_poly.type   'polypeptide(L)'
_entity_poly.pdbx_seq_one_letter_code
;MGSSHHHHHHSSGLVPRGSHMCGLVASNLNLKPGECLRVRGEVAPDAKSFVLNLGKDSNNL(CSO)LHFNPRFNAHGDAN
TIV(CSO)NSKDGGAWGTEQREAVFPFQPGSVAEV(CSO)ITFDQANLTVKLPDGYEFKFPNRLNLEAINYMAADGDFKI
K(CSO)VAFD
;
_entity_poly.pdbx_strand_id   A,B
#
loop_
_chem_comp.id
_chem_comp.type
_chem_comp.name
_chem_comp.formula
6S2 D-saccharide 'methyl 2-acetamido-2-deoxy-6-O-sulfo-beta-D-glucopyranoside' 'C9 H17 N O9 S'
GAL D-saccharide, beta linking beta-D-galactopyranose 'C6 H12 O6'
#
# COMPACT_ATOMS: atom_id res chain seq x y z
N CYS A 22 5.77 -5.24 -11.43
CA CYS A 22 4.85 -4.90 -12.53
C CYS A 22 3.55 -4.31 -11.99
N GLY A 23 3.05 -4.89 -10.92
CA GLY A 23 1.89 -4.34 -10.22
C GLY A 23 2.30 -3.64 -8.94
N LEU A 24 1.33 -3.34 -8.09
CA LEU A 24 1.59 -2.61 -6.84
C LEU A 24 2.66 -3.26 -5.97
N VAL A 25 3.55 -2.44 -5.44
CA VAL A 25 4.60 -2.89 -4.53
C VAL A 25 4.64 -2.05 -3.25
N ALA A 26 4.52 -2.70 -2.11
CA ALA A 26 4.59 -2.01 -0.82
C ALA A 26 5.74 -2.54 0.02
N SER A 27 6.52 -1.63 0.59
CA SER A 27 7.62 -2.01 1.47
C SER A 27 7.56 -1.24 2.78
N ASN A 28 8.33 -1.71 3.77
CA ASN A 28 8.28 -1.18 5.14
C ASN A 28 6.93 -1.40 5.79
N LEU A 29 6.25 -2.48 5.41
CA LEU A 29 4.96 -2.82 6.00
C LEU A 29 5.08 -3.02 7.50
N ASN A 30 6.22 -3.56 7.92
CA ASN A 30 6.48 -3.88 9.33
C ASN A 30 5.34 -4.66 9.97
N LEU A 31 4.81 -5.64 9.24
CA LEU A 31 3.73 -6.47 9.76
C LEU A 31 4.25 -7.55 10.70
N LYS A 32 3.85 -7.46 11.97
CA LYS A 32 4.29 -8.40 12.99
C LYS A 32 3.35 -9.59 13.12
N PRO A 33 3.80 -10.66 13.79
CA PRO A 33 2.94 -11.83 13.99
C PRO A 33 1.62 -11.46 14.64
N GLY A 34 0.53 -12.09 14.19
CA GLY A 34 -0.79 -11.82 14.74
C GLY A 34 -1.51 -10.69 14.03
N GLU A 35 -0.74 -9.78 13.43
CA GLU A 35 -1.32 -8.67 12.67
C GLU A 35 -1.90 -9.17 11.36
N CYS A 36 -2.99 -8.56 10.91
CA CYS A 36 -3.66 -9.01 9.70
C CYS A 36 -3.39 -8.09 8.53
N LEU A 37 -2.96 -8.66 7.41
CA LEU A 37 -2.79 -7.91 6.18
C LEU A 37 -3.96 -8.23 5.25
N ARG A 38 -4.78 -7.23 4.97
CA ARG A 38 -5.95 -7.43 4.14
C ARG A 38 -5.80 -6.77 2.77
N VAL A 39 -5.98 -7.56 1.72
CA VAL A 39 -5.90 -7.06 0.36
C VAL A 39 -7.18 -7.38 -0.39
N ARG A 40 -7.81 -6.36 -0.96
CA ARG A 40 -8.97 -6.60 -1.80
C ARG A 40 -8.73 -6.00 -3.17
N GLY A 41 -9.06 -6.75 -4.20
CA GLY A 41 -8.85 -6.32 -5.57
C GLY A 41 -9.84 -6.90 -6.55
N GLU A 42 -9.72 -6.47 -7.80
CA GLU A 42 -10.62 -6.93 -8.85
C GLU A 42 -9.92 -7.95 -9.72
N VAL A 43 -10.50 -9.13 -9.82
CA VAL A 43 -9.98 -10.15 -10.70
C VAL A 43 -10.50 -9.88 -12.11
N ALA A 44 -9.59 -9.67 -13.05
CA ALA A 44 -9.96 -9.38 -14.44
C ALA A 44 -10.88 -10.46 -14.99
N PRO A 45 -11.85 -10.06 -15.83
CA PRO A 45 -12.77 -11.05 -16.41
C PRO A 45 -12.04 -12.12 -17.21
N ASP A 46 -10.88 -11.78 -17.76
CA ASP A 46 -10.11 -12.74 -18.55
C ASP A 46 -8.84 -13.16 -17.82
N ALA A 47 -8.92 -13.19 -16.50
CA ALA A 47 -7.76 -13.48 -15.66
C ALA A 47 -7.22 -14.89 -15.89
N LYS A 48 -5.93 -14.99 -16.19
CA LYS A 48 -5.27 -16.29 -16.25
C LYS A 48 -4.59 -16.62 -14.92
N SER A 49 -4.09 -15.59 -14.26
CA SER A 49 -3.56 -15.71 -12.90
C SER A 49 -3.21 -14.36 -12.30
N PHE A 50 -3.04 -14.33 -10.98
CA PHE A 50 -2.44 -13.17 -10.32
C PHE A 50 -1.55 -13.63 -9.18
N VAL A 51 -0.71 -12.73 -8.70
CA VAL A 51 0.31 -13.07 -7.72
C VAL A 51 0.28 -12.14 -6.52
N LEU A 52 0.41 -12.71 -5.33
CA LEU A 52 0.59 -11.93 -4.12
C LEU A 52 1.88 -12.39 -3.44
N ASN A 53 2.89 -11.52 -3.41
CA ASN A 53 4.17 -11.86 -2.79
C ASN A 53 4.38 -11.18 -1.45
N LEU A 54 4.73 -11.95 -0.43
CA LEU A 54 5.02 -11.38 0.89
C LEU A 54 6.37 -11.85 1.41
N GLY A 55 7.12 -10.94 2.00
CA GLY A 55 8.39 -11.30 2.61
C GLY A 55 9.25 -10.11 2.98
N LYS A 56 10.55 -10.24 2.80
CA LYS A 56 11.50 -9.17 3.09
C LYS A 56 11.70 -8.30 1.87
N ASP A 57 11.88 -8.95 0.72
CA ASP A 57 12.04 -8.26 -0.55
C ASP A 57 11.76 -9.22 -1.69
N SER A 58 12.00 -8.78 -2.93
CA SER A 58 11.66 -9.59 -4.10
C SER A 58 12.45 -10.90 -4.17
N ASN A 59 13.53 -10.99 -3.41
CA ASN A 59 14.34 -12.21 -3.40
C ASN A 59 14.06 -13.08 -2.18
N ASN A 60 13.30 -12.54 -1.23
CA ASN A 60 12.99 -13.27 -0.02
C ASN A 60 11.51 -13.23 0.32
N LEU A 61 10.78 -14.21 -0.21
CA LEU A 61 9.34 -14.31 0.01
C LEU A 61 9.02 -15.49 0.92
N CSO A 62 8.36 -15.20 2.04
CA CSO A 62 7.90 -16.26 2.93
CB CSO A 62 7.82 -15.78 4.38
SG CSO A 62 6.68 -14.38 4.52
C CSO A 62 6.55 -16.78 2.45
O CSO A 62 6.06 -17.81 2.91
OD CSO A 62 5.74 -14.50 6.04
N LEU A 63 5.95 -16.06 1.50
CA LEU A 63 4.75 -16.55 0.82
C LEU A 63 4.62 -15.97 -0.59
N HIS A 64 4.61 -16.87 -1.56
CA HIS A 64 4.26 -16.53 -2.93
C HIS A 64 2.88 -17.09 -3.21
N PHE A 65 1.89 -16.20 -3.26
CA PHE A 65 0.49 -16.60 -3.39
C PHE A 65 0.01 -16.40 -4.83
N ASN A 66 -0.21 -17.52 -5.52
CA ASN A 66 -0.41 -17.50 -6.97
C ASN A 66 -1.61 -18.32 -7.43
N PRO A 67 -2.82 -17.75 -7.30
CA PRO A 67 -4.00 -18.37 -7.89
C PRO A 67 -3.91 -18.44 -9.41
N ARG A 68 -3.96 -19.64 -9.98
CA ARG A 68 -3.89 -19.80 -11.43
C ARG A 68 -5.24 -20.26 -11.97
N PHE A 69 -5.88 -19.36 -12.71
CA PHE A 69 -7.14 -19.63 -13.40
C PHE A 69 -6.89 -20.45 -14.67
N ASN A 70 -6.05 -19.91 -15.55
CA ASN A 70 -5.58 -20.66 -16.71
C ASN A 70 -4.16 -20.27 -16.98
N ALA A 71 -3.22 -20.94 -16.33
CA ALA A 71 -1.84 -20.54 -16.55
C ALA A 71 -0.83 -21.61 -16.20
N HIS A 72 0.29 -21.61 -16.94
CA HIS A 72 1.31 -22.63 -16.75
C HIS A 72 0.70 -24.03 -16.78
N GLY A 73 -0.31 -24.23 -17.62
CA GLY A 73 -0.95 -25.52 -17.74
C GLY A 73 -1.89 -25.85 -16.59
N ASP A 74 -2.15 -24.87 -15.72
CA ASP A 74 -2.93 -25.11 -14.50
C ASP A 74 -4.29 -24.44 -14.51
N ALA A 75 -5.26 -25.07 -13.85
CA ALA A 75 -6.62 -24.54 -13.79
C ALA A 75 -7.21 -24.53 -12.40
N ASN A 76 -7.84 -23.40 -12.05
CA ASN A 76 -8.44 -23.20 -10.74
C ASN A 76 -7.63 -23.81 -9.60
N THR A 77 -6.35 -23.47 -9.59
CA THR A 77 -5.44 -24.00 -8.59
C THR A 77 -4.65 -22.87 -7.95
N ILE A 78 -4.62 -22.88 -6.63
CA ILE A 78 -3.79 -21.94 -5.88
C ILE A 78 -2.43 -22.57 -5.65
N VAL A 79 -1.38 -21.93 -6.13
CA VAL A 79 -0.05 -22.45 -5.85
C VAL A 79 0.65 -21.49 -4.89
N CSO A 80 1.24 -22.06 -3.85
CA CSO A 80 2.03 -21.30 -2.91
CB CSO A 80 1.45 -21.34 -1.49
SG CSO A 80 -0.35 -21.17 -1.50
C CSO A 80 3.46 -21.78 -2.92
O CSO A 80 3.73 -22.95 -3.16
OD CSO A 80 -1.13 -22.67 -0.97
N ASN A 81 4.37 -20.86 -2.65
CA ASN A 81 5.78 -21.20 -2.54
C ASN A 81 6.53 -20.15 -1.74
N SER A 82 7.76 -20.47 -1.37
CA SER A 82 8.62 -19.50 -0.74
C SER A 82 9.78 -19.20 -1.69
N LYS A 83 10.48 -18.10 -1.42
CA LYS A 83 11.70 -17.79 -2.15
C LYS A 83 12.75 -17.34 -1.15
N ASP A 84 13.84 -18.09 -1.06
CA ASP A 84 14.88 -17.79 -0.10
C ASP A 84 16.19 -17.50 -0.81
N GLY A 85 16.70 -16.28 -0.65
CA GLY A 85 17.91 -15.85 -1.33
C GLY A 85 17.84 -16.03 -2.83
N GLY A 86 16.66 -15.79 -3.40
CA GLY A 86 16.49 -15.86 -4.83
C GLY A 86 16.06 -17.24 -5.32
N ALA A 87 16.12 -18.21 -4.42
CA ALA A 87 15.78 -19.60 -4.78
C ALA A 87 14.37 -19.97 -4.37
N TRP A 88 13.55 -20.35 -5.35
CA TRP A 88 12.23 -20.89 -5.10
C TRP A 88 12.31 -22.09 -4.16
N GLY A 89 11.38 -22.18 -3.22
CA GLY A 89 11.31 -23.31 -2.32
C GLY A 89 10.50 -24.43 -2.93
N THR A 90 10.01 -25.34 -2.11
CA THR A 90 9.19 -26.44 -2.61
C THR A 90 7.75 -25.97 -2.75
N GLU A 91 7.25 -26.01 -3.97
CA GLU A 91 5.89 -25.57 -4.29
C GLU A 91 4.81 -26.35 -3.57
N GLN A 92 3.78 -25.65 -3.10
CA GLN A 92 2.59 -26.28 -2.56
C GLN A 92 1.33 -25.74 -3.22
N ARG A 93 0.38 -26.62 -3.47
CA ARG A 93 -0.86 -26.23 -4.16
C ARG A 93 -2.09 -26.50 -3.31
N GLU A 94 -3.10 -25.64 -3.44
CA GLU A 94 -4.35 -25.86 -2.74
C GLU A 94 -5.45 -26.29 -3.70
N ALA A 95 -6.34 -27.15 -3.22
CA ALA A 95 -7.41 -27.69 -4.04
C ALA A 95 -8.55 -26.69 -4.20
N VAL A 96 -8.98 -26.09 -3.10
CA VAL A 96 -10.09 -25.15 -3.16
C VAL A 96 -9.70 -23.89 -3.93
N PHE A 97 -10.66 -23.33 -4.66
CA PHE A 97 -10.41 -22.18 -5.51
C PHE A 97 -11.61 -21.22 -5.49
N PRO A 98 -11.73 -20.44 -4.42
CA PRO A 98 -12.86 -19.52 -4.26
C PRO A 98 -12.62 -18.20 -4.99
N PHE A 99 -12.24 -18.27 -6.26
CA PHE A 99 -11.96 -17.08 -7.05
C PHE A 99 -12.67 -17.15 -8.38
N GLN A 100 -13.47 -16.14 -8.70
CA GLN A 100 -14.14 -16.13 -9.99
C GLN A 100 -13.70 -14.90 -10.77
N PRO A 101 -13.31 -15.10 -12.03
CA PRO A 101 -12.90 -13.99 -12.90
C PRO A 101 -14.01 -12.96 -13.06
N GLY A 102 -13.63 -11.69 -13.17
CA GLY A 102 -14.59 -10.61 -13.30
C GLY A 102 -15.31 -10.33 -11.99
N SER A 103 -14.64 -10.62 -10.88
CA SER A 103 -15.24 -10.43 -9.56
C SER A 103 -14.23 -9.86 -8.56
N VAL A 104 -14.76 -9.31 -7.47
CA VAL A 104 -13.92 -8.75 -6.42
C VAL A 104 -13.53 -9.84 -5.40
N ALA A 105 -12.24 -9.93 -5.10
CA ALA A 105 -11.74 -10.94 -4.17
C ALA A 105 -10.91 -10.34 -3.05
N GLU A 106 -11.23 -10.67 -1.81
CA GLU A 106 -10.43 -10.24 -0.66
C GLU A 106 -9.67 -11.42 -0.04
N VAL A 107 -8.42 -11.16 0.34
CA VAL A 107 -7.57 -12.17 0.96
C VAL A 107 -6.95 -11.61 2.22
N CSO A 108 -7.17 -12.27 3.36
CA CSO A 108 -6.56 -11.84 4.61
CB CSO A 108 -7.58 -11.71 5.75
SG CSO A 108 -9.17 -11.12 5.11
C CSO A 108 -5.40 -12.76 5.02
O CSO A 108 -5.56 -13.98 5.12
OD CSO A 108 -10.52 -12.14 5.65
N ILE A 109 -4.24 -12.15 5.24
CA ILE A 109 -3.03 -12.91 5.53
C ILE A 109 -2.44 -12.53 6.88
N THR A 110 -2.03 -13.53 7.64
CA THR A 110 -1.31 -13.35 8.89
C THR A 110 -0.29 -14.47 9.06
N PHE A 111 0.55 -14.38 10.06
CA PHE A 111 1.57 -15.40 10.28
C PHE A 111 2.05 -15.52 11.71
N ASP A 112 2.63 -16.67 12.01
CA ASP A 112 3.40 -16.84 13.24
C ASP A 112 4.73 -17.50 12.91
N GLN A 113 5.43 -17.99 13.93
CA GLN A 113 6.72 -18.62 13.73
C GLN A 113 6.64 -19.91 12.94
N ALA A 114 5.48 -20.56 12.95
CA ALA A 114 5.30 -21.85 12.30
C ALA A 114 4.68 -21.73 10.91
N ASN A 115 3.55 -21.04 10.82
CA ASN A 115 2.80 -20.97 9.57
C ASN A 115 2.35 -19.56 9.21
N LEU A 116 2.13 -19.35 7.92
CA LEU A 116 1.31 -18.23 7.46
C LEU A 116 -0.13 -18.74 7.33
N THR A 117 -1.08 -17.93 7.76
CA THR A 117 -2.48 -18.31 7.62
C THR A 117 -3.12 -17.40 6.60
N VAL A 118 -3.76 -18.01 5.61
CA VAL A 118 -4.43 -17.28 4.55
C VAL A 118 -5.94 -17.51 4.55
N LYS A 119 -6.71 -16.44 4.70
CA LYS A 119 -8.16 -16.55 4.63
C LYS A 119 -8.61 -16.17 3.23
N LEU A 120 -9.44 -17.04 2.66
CA LEU A 120 -9.97 -16.86 1.31
C LEU A 120 -11.36 -16.24 1.40
N PRO A 121 -11.84 -15.65 0.29
CA PRO A 121 -13.09 -14.86 0.39
C PRO A 121 -14.34 -15.64 0.79
N ASP A 122 -14.52 -16.88 0.32
CA ASP A 122 -15.68 -17.67 0.74
C ASP A 122 -15.44 -18.41 2.05
N GLY A 123 -14.46 -17.94 2.82
CA GLY A 123 -14.29 -18.40 4.19
C GLY A 123 -13.20 -19.44 4.40
N TYR A 124 -12.63 -19.91 3.30
CA TYR A 124 -11.58 -20.91 3.36
C TYR A 124 -10.30 -20.39 4.00
N GLU A 125 -9.59 -21.29 4.68
CA GLU A 125 -8.39 -20.93 5.40
C GLU A 125 -7.38 -22.07 5.36
N PHE A 126 -6.28 -21.83 4.67
CA PHE A 126 -5.19 -22.80 4.60
C PHE A 126 -3.93 -22.24 5.22
N LYS A 127 -3.08 -23.13 5.74
CA LYS A 127 -1.82 -22.71 6.33
C LYS A 127 -0.67 -23.01 5.38
N PHE A 128 0.29 -22.11 5.34
CA PHE A 128 1.52 -22.33 4.58
C PHE A 128 2.69 -22.16 5.53
N PRO A 129 3.58 -23.16 5.57
CA PRO A 129 4.68 -23.19 6.54
C PRO A 129 5.63 -22.00 6.43
N ASN A 130 5.93 -21.38 7.57
CA ASN A 130 6.87 -20.26 7.61
C ASN A 130 8.28 -20.78 7.44
N ARG A 131 8.82 -20.65 6.23
CA ARG A 131 10.11 -21.24 5.89
C ARG A 131 11.28 -20.26 6.02
N LEU A 132 10.96 -18.98 6.16
CA LEU A 132 12.00 -17.95 6.15
C LEU A 132 12.31 -17.46 7.56
N ASN A 133 11.32 -17.58 8.44
CA ASN A 133 11.44 -17.15 9.83
C ASN A 133 11.96 -15.71 9.96
N LEU A 134 11.31 -14.79 9.25
CA LEU A 134 11.59 -13.38 9.43
C LEU A 134 10.78 -12.90 10.62
N GLU A 135 11.22 -11.83 11.27
CA GLU A 135 10.51 -11.36 12.44
C GLU A 135 9.35 -10.48 12.02
N ALA A 136 9.31 -10.11 10.74
CA ALA A 136 8.22 -9.27 10.22
C ALA A 136 8.08 -9.41 8.70
N ILE A 137 6.86 -9.19 8.21
CA ILE A 137 6.62 -9.03 6.79
C ILE A 137 6.75 -7.55 6.45
N ASN A 138 7.77 -7.21 5.68
CA ASN A 138 8.02 -5.82 5.33
C ASN A 138 7.69 -5.51 3.88
N TYR A 139 7.40 -6.55 3.11
CA TYR A 139 7.31 -6.41 1.66
C TYR A 139 6.09 -7.11 1.09
N MET A 140 5.40 -6.40 0.20
CA MET A 140 4.28 -6.99 -0.52
C MET A 140 4.27 -6.56 -1.98
N ALA A 141 4.15 -7.53 -2.87
CA ALA A 141 4.07 -7.23 -4.29
C ALA A 141 2.87 -7.93 -4.90
N ALA A 142 2.13 -7.19 -5.71
CA ALA A 142 1.01 -7.75 -6.45
C ALA A 142 1.36 -7.78 -7.92
N ASP A 143 0.84 -8.76 -8.64
CA ASP A 143 1.11 -8.86 -10.07
C ASP A 143 0.04 -9.66 -10.77
N GLY A 144 -0.02 -9.53 -12.10
CA GLY A 144 -1.01 -10.24 -12.88
C GLY A 144 -2.37 -9.59 -12.94
N ASP A 145 -3.38 -10.41 -13.16
CA ASP A 145 -4.73 -9.94 -13.47
C ASP A 145 -5.53 -9.62 -12.21
N PHE A 146 -4.94 -8.78 -11.35
CA PHE A 146 -5.52 -8.41 -10.08
C PHE A 146 -5.28 -6.92 -9.89
N LYS A 147 -6.32 -6.09 -9.88
CA LYS A 147 -6.08 -4.68 -9.62
C LYS A 147 -6.59 -4.37 -8.21
N ILE A 148 -5.69 -3.87 -7.39
CA ILE A 148 -5.95 -3.69 -5.97
C ILE A 148 -6.77 -2.44 -5.73
N LYS A 149 -7.81 -2.58 -4.93
CA LYS A 149 -8.65 -1.46 -4.60
C LYS A 149 -8.48 -1.04 -3.16
N CSO A 150 -8.11 -1.96 -2.27
CA CSO A 150 -7.92 -1.64 -0.87
CB CSO A 150 -9.22 -1.88 -0.09
SG CSO A 150 -8.84 -2.20 1.65
C CSO A 150 -6.82 -2.50 -0.26
O CSO A 150 -6.71 -3.69 -0.53
OD CSO A 150 -9.69 -3.64 2.27
N VAL A 151 -5.97 -1.87 0.55
CA VAL A 151 -4.99 -2.58 1.37
C VAL A 151 -5.12 -2.12 2.82
N ALA A 152 -5.27 -3.06 3.74
CA ALA A 152 -5.51 -2.72 5.14
C ALA A 152 -4.61 -3.51 6.09
N PHE A 153 -4.25 -2.89 7.20
CA PHE A 153 -3.48 -3.55 8.26
C PHE A 153 -4.22 -3.58 9.58
N ASP A 154 -4.62 -4.78 10.00
CA ASP A 154 -5.26 -4.97 11.31
C ASP A 154 -4.40 -5.85 12.21
N CYS B 22 12.03 4.30 7.64
CA CYS B 22 10.85 5.00 7.13
C CYS B 22 9.56 4.35 7.58
N GLY B 23 8.44 4.88 7.07
CA GLY B 23 7.14 4.29 7.26
C GLY B 23 6.77 3.60 5.95
N LEU B 24 5.49 3.27 5.79
CA LEU B 24 5.04 2.56 4.60
C LEU B 24 5.43 3.26 3.30
N VAL B 25 5.90 2.47 2.33
CA VAL B 25 6.25 2.96 1.01
C VAL B 25 5.55 2.12 -0.06
N ALA B 26 4.78 2.77 -0.91
CA ALA B 26 4.07 2.09 -1.99
C ALA B 26 4.51 2.61 -3.35
N SER B 27 4.79 1.69 -4.27
CA SER B 27 5.17 2.05 -5.62
C SER B 27 4.33 1.31 -6.66
N ASN B 28 4.40 1.78 -7.90
CA ASN B 28 3.59 1.27 -9.01
C ASN B 28 2.09 1.47 -8.79
N LEU B 29 1.73 2.54 -8.09
CA LEU B 29 0.33 2.86 -7.83
C LEU B 29 -0.47 3.08 -9.11
N ASN B 30 0.19 3.66 -10.11
CA ASN B 30 -0.45 4.01 -11.38
C ASN B 30 -1.76 4.78 -11.20
N LEU B 31 -1.75 5.73 -10.28
CA LEU B 31 -2.93 6.55 -10.03
C LEU B 31 -3.01 7.67 -11.08
N LYS B 32 -4.02 7.60 -11.93
CA LYS B 32 -4.15 8.54 -13.03
C LYS B 32 -4.99 9.75 -12.60
N PRO B 33 -4.97 10.85 -13.38
CA PRO B 33 -5.76 12.03 -13.03
C PRO B 33 -7.25 11.72 -12.81
N GLY B 34 -7.83 12.35 -11.79
CA GLY B 34 -9.22 12.16 -11.46
C GLY B 34 -9.44 11.03 -10.48
N GLU B 35 -8.52 10.07 -10.45
CA GLU B 35 -8.62 8.95 -9.52
C GLU B 35 -8.32 9.37 -8.09
N CYS B 36 -8.98 8.73 -7.14
CA CYS B 36 -8.86 9.08 -5.73
C CYS B 36 -8.01 8.10 -4.94
N LEU B 37 -7.04 8.63 -4.21
CA LEU B 37 -6.23 7.86 -3.30
C LEU B 37 -6.70 8.10 -1.88
N ARG B 38 -7.21 7.06 -1.22
CA ARG B 38 -7.73 7.22 0.12
C ARG B 38 -6.78 6.61 1.14
N VAL B 39 -6.36 7.42 2.10
CA VAL B 39 -5.44 6.97 3.14
C VAL B 39 -6.02 7.22 4.53
N ARG B 40 -6.04 6.19 5.36
CA ARG B 40 -6.41 6.33 6.75
C ARG B 40 -5.26 5.87 7.63
N GLY B 41 -4.95 6.64 8.65
CA GLY B 41 -3.85 6.29 9.51
C GLY B 41 -4.00 6.77 10.94
N GLU B 42 -3.07 6.35 11.79
CA GLU B 42 -3.11 6.71 13.19
C GLU B 42 -2.04 7.74 13.51
N VAL B 43 -2.46 8.90 13.98
CA VAL B 43 -1.53 9.93 14.41
C VAL B 43 -1.11 9.68 15.85
N ALA B 44 0.19 9.50 16.07
CA ALA B 44 0.73 9.23 17.41
C ALA B 44 0.30 10.28 18.43
N PRO B 45 0.06 9.85 19.69
CA PRO B 45 -0.33 10.77 20.76
C PRO B 45 0.74 11.82 21.03
N ASP B 46 1.98 11.48 20.70
CA ASP B 46 3.11 12.38 20.90
C ASP B 46 3.61 12.91 19.56
N ALA B 47 2.68 13.11 18.64
CA ALA B 47 3.01 13.52 17.28
C ALA B 47 3.64 14.91 17.22
N LYS B 48 4.82 15.00 16.59
CA LYS B 48 5.41 16.29 16.30
C LYS B 48 5.07 16.70 14.87
N SER B 49 5.03 15.71 13.98
CA SER B 49 4.60 15.90 12.61
C SER B 49 4.47 14.55 11.93
N PHE B 50 3.80 14.52 10.79
CA PHE B 50 3.86 13.36 9.93
C PHE B 50 3.91 13.77 8.46
N VAL B 51 4.31 12.84 7.61
CA VAL B 51 4.53 13.15 6.20
C VAL B 51 3.83 12.18 5.27
N LEU B 52 3.21 12.72 4.23
CA LEU B 52 2.67 11.92 3.13
C LEU B 52 3.31 12.38 1.84
N ASN B 53 4.11 11.51 1.24
CA ASN B 53 4.81 11.84 -0.01
C ASN B 53 4.17 11.16 -1.21
N LEU B 54 3.87 11.93 -2.25
CA LEU B 54 3.30 11.41 -3.48
C LEU B 54 4.09 11.85 -4.69
N GLY B 55 4.27 10.94 -5.66
CA GLY B 55 4.92 11.32 -6.91
C GLY B 55 5.30 10.15 -7.80
N LYS B 56 6.44 10.29 -8.47
CA LYS B 56 6.95 9.25 -9.35
C LYS B 56 7.84 8.30 -8.56
N ASP B 57 8.69 8.88 -7.72
CA ASP B 57 9.58 8.14 -6.83
C ASP B 57 10.04 9.07 -5.72
N SER B 58 10.96 8.60 -4.88
CA SER B 58 11.40 9.38 -3.72
C SER B 58 12.10 10.68 -4.12
N ASN B 59 12.55 10.78 -5.37
CA ASN B 59 13.23 11.98 -5.83
C ASN B 59 12.35 12.93 -6.63
N ASN B 60 11.15 12.47 -6.98
CA ASN B 60 10.22 13.27 -7.75
C ASN B 60 8.83 13.25 -7.10
N LEU B 61 8.61 14.21 -6.21
CA LEU B 61 7.35 14.31 -5.49
C LEU B 61 6.53 15.50 -5.96
N CSO B 62 5.32 15.23 -6.43
CA CSO B 62 4.42 16.31 -6.80
CB CSO B 62 3.49 15.89 -7.94
SG CSO B 62 2.75 14.28 -7.62
C CSO B 62 3.64 16.79 -5.57
O CSO B 62 3.03 17.86 -5.59
OD CSO B 62 2.13 13.56 -9.12
N LEU B 63 3.69 16.01 -4.50
CA LEU B 63 3.15 16.46 -3.22
C LEU B 63 3.88 15.89 -2.01
N HIS B 64 4.45 16.80 -1.23
CA HIS B 64 4.99 16.48 0.07
C HIS B 64 4.01 17.06 1.09
N PHE B 65 3.23 16.19 1.72
CA PHE B 65 2.17 16.65 2.61
C PHE B 65 2.60 16.49 4.06
N ASN B 66 2.85 17.61 4.73
CA ASN B 66 3.53 17.58 6.02
C ASN B 66 2.86 18.44 7.10
N PRO B 67 1.79 17.91 7.71
CA PRO B 67 1.19 18.56 8.87
C PRO B 67 2.18 18.60 10.03
N ARG B 68 2.49 19.79 10.52
CA ARG B 68 3.40 19.94 11.64
C ARG B 68 2.67 20.40 12.89
N PHE B 69 2.62 19.53 13.89
CA PHE B 69 2.01 19.84 15.18
C PHE B 69 2.93 20.78 15.95
N ASN B 70 4.16 20.33 16.15
CA ASN B 70 5.22 21.18 16.66
C ASN B 70 6.57 20.64 16.22
N ALA B 71 7.03 21.08 15.07
CA ALA B 71 8.27 20.60 14.47
C ALA B 71 8.83 21.60 13.46
N HIS B 72 10.16 21.62 13.34
CA HIS B 72 10.87 22.53 12.44
C HIS B 72 10.45 23.99 12.64
N GLY B 73 10.19 24.35 13.89
CA GLY B 73 9.80 25.71 14.24
C GLY B 73 8.36 26.07 13.92
N ASP B 74 7.58 25.08 13.51
CA ASP B 74 6.19 25.32 13.12
C ASP B 74 5.22 24.66 14.09
N ALA B 75 4.07 25.30 14.29
CA ALA B 75 3.05 24.78 15.19
C ALA B 75 1.69 24.81 14.50
N ASN B 76 0.95 23.71 14.61
CA ASN B 76 -0.36 23.54 13.98
C ASN B 76 -0.41 24.14 12.57
N THR B 77 0.57 23.77 11.76
CA THR B 77 0.70 24.27 10.41
C THR B 77 0.90 23.15 9.40
N ILE B 78 0.16 23.18 8.31
CA ILE B 78 0.37 22.22 7.23
C ILE B 78 1.36 22.79 6.24
N VAL B 79 2.47 22.08 6.03
CA VAL B 79 3.47 22.49 5.05
C VAL B 79 3.45 21.54 3.86
N CSO B 80 3.12 22.06 2.68
CA CSO B 80 3.28 21.28 1.46
CB CSO B 80 2.00 21.26 0.60
SG CSO B 80 0.54 20.84 1.58
C CSO B 80 4.47 21.73 0.62
O CSO B 80 4.88 22.88 0.68
OD CSO B 80 -0.92 21.62 0.90
N ASN B 81 4.99 20.80 -0.15
CA ASN B 81 6.11 21.08 -1.02
C ASN B 81 6.22 20.06 -2.14
N SER B 82 7.04 20.38 -3.13
CA SER B 82 7.36 19.44 -4.19
C SER B 82 8.83 19.06 -4.12
N LYS B 83 9.20 17.98 -4.79
CA LYS B 83 10.60 17.62 -4.95
C LYS B 83 10.81 17.24 -6.40
N ASP B 84 11.68 17.98 -7.09
CA ASP B 84 11.91 17.79 -8.51
C ASP B 84 13.37 17.44 -8.79
N GLY B 85 13.58 16.24 -9.32
CA GLY B 85 14.93 15.75 -9.59
C GLY B 85 15.83 15.80 -8.38
N GLY B 86 15.26 15.54 -7.21
CA GLY B 86 16.02 15.53 -5.97
C GLY B 86 16.02 16.88 -5.28
N ALA B 87 15.54 17.91 -5.97
CA ALA B 87 15.55 19.26 -5.43
C ALA B 87 14.20 19.66 -4.84
N TRP B 88 14.18 19.97 -3.55
CA TRP B 88 12.99 20.51 -2.89
C TRP B 88 12.52 21.79 -3.58
N GLY B 89 11.21 21.92 -3.73
CA GLY B 89 10.63 23.14 -4.28
C GLY B 89 10.36 24.15 -3.18
N THR B 90 9.51 25.14 -3.50
CA THR B 90 9.14 26.17 -2.54
C THR B 90 7.97 25.74 -1.65
N GLU B 91 8.20 25.78 -0.35
CA GLU B 91 7.16 25.40 0.62
C GLU B 91 5.91 26.26 0.50
N GLN B 92 4.76 25.62 0.68
CA GLN B 92 3.49 26.35 0.78
C GLN B 92 2.80 25.98 2.09
N ARG B 93 2.24 26.98 2.76
CA ARG B 93 1.59 26.76 4.05
C ARG B 93 0.11 27.10 4.06
N GLU B 94 -0.65 26.30 4.80
CA GLU B 94 -2.07 26.52 4.98
C GLU B 94 -2.34 26.97 6.41
N ALA B 95 -3.39 27.78 6.60
CA ALA B 95 -3.69 28.31 7.93
C ALA B 95 -4.39 27.27 8.81
N VAL B 96 -5.44 26.65 8.30
CA VAL B 96 -6.21 25.68 9.07
C VAL B 96 -5.45 24.36 9.28
N PHE B 97 -5.69 23.74 10.43
CA PHE B 97 -4.97 22.54 10.84
C PHE B 97 -5.92 21.53 11.49
N PRO B 98 -6.66 20.77 10.67
CA PRO B 98 -7.65 19.82 11.18
C PRO B 98 -7.06 18.46 11.55
N PHE B 99 -5.99 18.47 12.33
CA PHE B 99 -5.33 17.24 12.76
C PHE B 99 -5.04 17.24 14.25
N GLN B 100 -5.49 16.18 14.91
CA GLN B 100 -5.27 16.01 16.35
C GLN B 100 -4.44 14.77 16.65
N PRO B 101 -3.40 14.92 17.49
CA PRO B 101 -2.54 13.82 17.91
C PRO B 101 -3.32 12.72 18.63
N GLY B 102 -2.90 11.47 18.50
CA GLY B 102 -3.60 10.36 19.13
C GLY B 102 -4.93 10.07 18.47
N SER B 103 -5.04 10.37 17.18
CA SER B 103 -6.30 10.20 16.48
C SER B 103 -6.14 9.63 15.07
N VAL B 104 -7.25 9.12 14.54
CA VAL B 104 -7.30 8.58 13.19
C VAL B 104 -7.57 9.70 12.20
N ALA B 105 -6.76 9.77 11.15
CA ALA B 105 -6.91 10.81 10.15
C ALA B 105 -7.06 10.18 8.77
N GLU B 106 -8.12 10.57 8.07
CA GLU B 106 -8.33 10.08 6.72
C GLU B 106 -8.07 11.19 5.71
N VAL B 107 -7.38 10.82 4.64
CA VAL B 107 -7.02 11.77 3.59
C VAL B 107 -7.36 11.19 2.23
N CSO B 108 -8.12 11.95 1.44
CA CSO B 108 -8.36 11.60 0.04
CB CSO B 108 -9.86 11.58 -0.29
SG CSO B 108 -10.83 11.06 1.14
C CSO B 108 -7.61 12.55 -0.88
O CSO B 108 -7.74 13.76 -0.81
OD CSO B 108 -12.10 12.25 1.56
N ILE B 109 -6.80 11.96 -1.77
CA ILE B 109 -5.97 12.74 -2.68
C ILE B 109 -6.29 12.43 -4.13
N THR B 110 -6.38 13.48 -4.93
CA THR B 110 -6.50 13.34 -6.37
C THR B 110 -5.77 14.51 -7.02
N PHE B 111 -5.64 14.47 -8.33
CA PHE B 111 -4.96 15.55 -9.02
C PHE B 111 -5.44 15.67 -10.46
N ASP B 112 -5.24 16.85 -11.03
CA ASP B 112 -5.41 17.06 -12.46
C ASP B 112 -4.19 17.80 -12.97
N GLN B 113 -4.30 18.37 -14.17
CA GLN B 113 -3.19 19.07 -14.80
C GLN B 113 -2.77 20.31 -14.02
N ALA B 114 -3.70 20.86 -13.23
CA ALA B 114 -3.44 22.10 -12.52
C ALA B 114 -3.00 21.91 -11.07
N ASN B 115 -3.79 21.17 -10.30
CA ASN B 115 -3.55 21.05 -8.87
C ASN B 115 -3.61 19.64 -8.33
N LEU B 116 -2.94 19.42 -7.21
CA LEU B 116 -3.24 18.28 -6.36
C LEU B 116 -4.25 18.73 -5.32
N THR B 117 -5.27 17.92 -5.10
CA THR B 117 -6.28 18.23 -4.10
C THR B 117 -6.23 17.23 -2.94
N VAL B 118 -6.17 17.75 -1.73
CA VAL B 118 -6.23 16.90 -0.54
C VAL B 118 -7.52 17.21 0.19
N LYS B 119 -8.41 16.22 0.21
CA LYS B 119 -9.69 16.37 0.88
C LYS B 119 -9.79 15.58 2.18
N LEU B 120 -10.25 16.23 3.23
CA LEU B 120 -10.57 15.50 4.45
C LEU B 120 -12.07 15.27 4.41
N PRO B 121 -12.54 14.25 5.13
CA PRO B 121 -13.96 13.91 5.02
C PRO B 121 -14.88 15.02 5.57
N ASP B 122 -14.41 15.75 6.57
CA ASP B 122 -15.22 16.81 7.18
C ASP B 122 -15.25 18.06 6.31
N GLY B 123 -14.83 17.95 5.07
CA GLY B 123 -15.05 19.01 4.10
C GLY B 123 -13.82 19.87 3.85
N TYR B 124 -12.76 19.66 4.63
CA TYR B 124 -11.55 20.43 4.42
C TYR B 124 -10.94 20.02 3.08
N GLU B 125 -10.36 20.98 2.39
CA GLU B 125 -9.84 20.74 1.05
C GLU B 125 -8.67 21.67 0.77
N PHE B 126 -7.49 21.11 0.56
CA PHE B 126 -6.35 21.96 0.24
C PHE B 126 -5.89 21.70 -1.18
N LYS B 127 -5.46 22.77 -1.85
CA LYS B 127 -4.92 22.65 -3.19
C LYS B 127 -3.42 22.89 -3.15
N PHE B 128 -2.69 22.08 -3.89
CA PHE B 128 -1.26 22.33 -4.09
C PHE B 128 -1.01 22.29 -5.59
N PRO B 129 -0.36 23.34 -6.11
CA PRO B 129 -0.16 23.43 -7.56
C PRO B 129 0.65 22.25 -8.11
N ASN B 130 0.16 21.66 -9.20
CA ASN B 130 0.86 20.55 -9.85
C ASN B 130 2.10 21.05 -10.57
N ARG B 131 3.26 20.88 -9.96
CA ARG B 131 4.49 21.47 -10.47
C ARG B 131 5.30 20.50 -11.33
N LEU B 132 4.97 19.22 -11.28
CA LEU B 132 5.77 18.20 -11.97
C LEU B 132 5.12 17.71 -13.26
N ASN B 133 3.79 17.78 -13.31
CA ASN B 133 3.03 17.36 -14.48
C ASN B 133 3.35 15.95 -14.97
N LEU B 134 3.32 14.98 -14.06
CA LEU B 134 3.44 13.58 -14.42
C LEU B 134 2.07 13.05 -14.83
N GLU B 135 2.03 11.96 -15.59
CA GLU B 135 0.75 11.44 -16.05
C GLU B 135 0.08 10.60 -14.97
N ALA B 136 0.83 10.27 -13.93
CA ALA B 136 0.30 9.45 -12.85
C ALA B 136 1.09 9.59 -11.56
N ILE B 137 0.42 9.35 -10.44
CA ILE B 137 1.10 9.17 -9.16
C ILE B 137 1.42 7.69 -8.98
N ASN B 138 2.71 7.35 -8.98
CA ASN B 138 3.13 5.96 -8.85
C ASN B 138 3.75 5.64 -7.50
N TYR B 139 3.95 6.66 -6.67
CA TYR B 139 4.73 6.49 -5.46
C TYR B 139 4.04 7.14 -4.28
N MET B 140 3.96 6.42 -3.17
CA MET B 140 3.44 7.00 -1.94
C MET B 140 4.26 6.52 -0.75
N ALA B 141 4.71 7.47 0.05
CA ALA B 141 5.48 7.15 1.24
C ALA B 141 4.91 7.87 2.46
N ALA B 142 4.81 7.16 3.57
CA ALA B 142 4.39 7.75 4.83
C ALA B 142 5.59 7.83 5.75
N ASP B 143 5.62 8.85 6.60
CA ASP B 143 6.72 9.02 7.53
C ASP B 143 6.29 9.86 8.71
N GLY B 144 7.09 9.82 9.77
CA GLY B 144 6.77 10.56 10.97
C GLY B 144 5.76 9.83 11.83
N ASP B 145 5.02 10.58 12.63
CA ASP B 145 4.15 10.01 13.64
C ASP B 145 2.79 9.65 13.06
N PHE B 146 2.82 8.86 12.00
CA PHE B 146 1.63 8.46 11.24
C PHE B 146 1.75 7.00 10.84
N LYS B 147 0.87 6.16 11.38
CA LYS B 147 0.88 4.77 10.97
C LYS B 147 -0.35 4.47 10.13
N ILE B 148 -0.12 4.00 8.90
CA ILE B 148 -1.19 3.80 7.95
C ILE B 148 -1.94 2.51 8.23
N LYS B 149 -3.27 2.59 8.24
CA LYS B 149 -4.10 1.42 8.50
C LYS B 149 -4.82 0.96 7.24
N CSO B 150 -5.16 1.89 6.36
CA CSO B 150 -5.85 1.51 5.11
CB CSO B 150 -7.37 1.57 5.31
SG CSO B 150 -8.17 1.55 3.68
C CSO B 150 -5.44 2.41 3.95
O CSO B 150 -5.26 3.62 4.11
OD CSO B 150 -9.30 2.90 3.48
N VAL B 151 -5.30 1.80 2.78
CA VAL B 151 -5.04 2.55 1.54
C VAL B 151 -6.00 2.07 0.45
N ALA B 152 -6.71 2.99 -0.17
CA ALA B 152 -7.71 2.63 -1.17
C ALA B 152 -7.59 3.48 -2.44
N PHE B 153 -7.92 2.87 -3.57
CA PHE B 153 -7.98 3.57 -4.84
C PHE B 153 -9.39 3.46 -5.41
N ASP B 154 -10.10 4.58 -5.44
CA ASP B 154 -11.42 4.57 -6.06
C ASP B 154 -11.49 5.50 -7.27
O4 6S2 C . 6.34 -22.07 -12.57
C1 6S2 C . 6.74 -26.23 -12.84
O1 6S2 C . 7.11 -27.54 -12.40
O5 6S2 C . 7.88 -25.38 -12.78
C5 6S2 C . 7.59 -24.05 -13.21
C6 6S2 C . 8.90 -23.29 -13.36
O6 6S2 C . 9.63 -23.35 -12.15
C4 6S2 C . 6.66 -23.41 -12.19
C3 6S2 C . 5.36 -24.22 -12.10
O3 6S2 C . 4.60 -23.75 -10.99
C2 6S2 C . 5.62 -25.71 -11.93
N2 6S2 C . 4.41 -26.45 -12.26
C7 6S2 C . 4.15 -27.65 -11.76
C8 6S2 C . 3.02 -28.39 -12.41
O7 6S2 C . 4.78 -28.11 -10.82
S1 6S2 C . 10.94 -22.56 -11.99
O21 6S2 C . 11.45 -22.74 -10.61
O8 6S2 C . 10.67 -21.12 -12.23
O9 6S2 C . 11.93 -23.05 -12.96
C10 6S2 C . 7.24 -28.45 -13.49
C1 GAL C . 6.77 -21.12 -11.59
C2 GAL C . 6.35 -19.71 -12.00
C3 GAL C . 6.83 -18.71 -10.97
C4 GAL C . 6.37 -19.12 -9.57
C5 GAL C . 6.72 -20.58 -9.29
C6 GAL C . 6.18 -21.02 -7.94
O2 GAL C . 6.90 -19.39 -13.28
O3 GAL C . 6.32 -17.41 -11.28
O4 GAL C . 4.95 -18.94 -9.47
O5 GAL C . 6.20 -21.42 -10.32
O6 GAL C . 6.49 -22.40 -7.72
O4 6S2 D . 12.41 21.65 6.94
C1 6S2 D . 13.90 25.50 7.45
O1 6S2 D . 14.36 26.82 7.15
O5 6S2 D . 14.56 24.58 6.58
C5 6S2 D . 14.26 23.23 6.90
C6 6S2 D . 15.24 22.35 6.15
O6 6S2 D . 15.04 22.53 4.75
C4 6S2 D . 12.80 22.98 6.54
C3 6S2 D . 11.89 23.95 7.27
O3 6S2 D . 10.58 23.92 6.67
C2 6S2 D . 12.39 25.41 7.29
N2 6S2 D . 11.76 26.07 8.42
C7 6S2 D . 11.05 27.19 8.35
C8 6S2 D . 11.79 28.43 7.91
O7 6S2 D . 9.86 27.23 8.63
S1 6S2 D . 15.69 21.54 3.76
O21 6S2 D . 15.15 20.19 3.99
O8 6S2 D . 15.39 21.97 2.38
O9 6S2 D . 17.16 21.54 3.97
C10 6S2 D . 14.62 26.99 5.75
C1 GAL D . 12.27 20.70 5.90
C2 GAL D . 11.99 19.34 6.53
C3 GAL D . 11.77 18.27 5.46
C4 GAL D . 10.69 18.73 4.50
C5 GAL D . 11.02 20.10 3.95
C6 GAL D . 9.90 20.59 3.02
O2 GAL D . 13.10 18.95 7.35
O3 GAL D . 11.37 17.04 6.08
O4 GAL D . 9.43 18.77 5.18
O5 GAL D . 11.19 21.04 5.01
O6 GAL D . 10.33 21.75 2.30
#